data_5TBC
#
_entry.id   5TBC
#
_cell.length_a   55.330
_cell.length_b   79.530
_cell.length_c   55.330
_cell.angle_alpha   90.00
_cell.angle_beta   107.39
_cell.angle_gamma   90.00
#
_symmetry.space_group_name_H-M   'P 1 21 1'
#
loop_
_entity.id
_entity.type
_entity.pdbx_description
1 polymer 'DNA polymerase beta'
2 polymer '5-MER PHOSPHORYLATED DOWNSTREAM PRIMER'
3 polymer '10- MER PRIMER'
4 polymer '16- MER TEMPLATE'
5 non-polymer 'Lamivudine Triphosphate'
6 non-polymer 'SODIUM ION'
7 non-polymer 'CHLORIDE ION'
8 non-polymer '[(2R,5S)-5-(4-amino-2-oxopyrimidin-1(2H)-yl)-1,3-oxathiolan-2-yl]methyl dihydrogen phosphate'
9 water water
#
loop_
_entity_poly.entity_id
_entity_poly.type
_entity_poly.pdbx_seq_one_letter_code
_entity_poly.pdbx_strand_id
1 'polypeptide(L)'
;MGMSKRKAPQETLNGGITDMLTELANFEKNVSQAIHKYNAYRKAASVIAKYPHKIKSGAEAKKLPGVGTKIAEKIDEFLA
TGKLRKLEKIRQDDTSSSINFLTRVSGIGPSAARKFVDEGIKTLEDLRKNEDKLNHHQRIGLKYFGDFEKRIPREEMLQM
QDIVLNEVKKVDSEYIATVCGSFRRGAESSGDMDVLLTHPSFTSESTKQPKLLHQVVEQLQKVHFITDTLSKGETKFMGV
CQLPSKNDEKEYPHRRIDIRLIPKDQYYCGVLYFTGSDIFNKNMRAHALEKGFTINEYTIRPLGVTGVAGEPLPVDSEKD
IFDYIQWKYREPKDRSEHHHHHH
;
A
2 'polydeoxyribonucleotide' (DG)(DT)(DC)(DG)(DG) D
3 'polydeoxyribonucleotide' (DG)(DC)(DT)(DG)(DA)(DT)(DG)(DC)(DG)(DC) P
4 'polydeoxyribonucleotide' (DC)(DC)(DG)(DA)(DC)(DG)(DG)(DC)(DG)(DC)(DA)(DT)(DC)(DA)(DG)(DC) T
#
# COMPACT_ATOMS: atom_id res chain seq x y z
N THR A 12 -3.27 -18.79 10.70
CA THR A 12 -1.93 -19.37 10.34
C THR A 12 -1.99 -20.87 10.07
N LEU A 13 -3.19 -21.44 10.22
CA LEU A 13 -3.43 -22.88 10.09
C LEU A 13 -3.12 -23.47 8.70
N ASN A 14 -3.28 -22.65 7.66
CA ASN A 14 -3.07 -23.09 6.28
C ASN A 14 -2.04 -22.26 5.54
N GLY A 15 -1.04 -21.77 6.28
CA GLY A 15 -0.03 -20.85 5.74
C GLY A 15 0.74 -21.37 4.54
N GLY A 16 0.97 -22.69 4.52
CA GLY A 16 1.60 -23.33 3.37
C GLY A 16 0.81 -23.07 2.09
N ILE A 17 -0.50 -23.30 2.17
CA ILE A 17 -1.42 -23.10 1.05
C ILE A 17 -1.55 -21.63 0.66
N THR A 18 -1.75 -20.76 1.65
CA THR A 18 -1.93 -19.33 1.39
C THR A 18 -0.64 -18.71 0.83
N ASP A 19 0.52 -19.17 1.32
CA ASP A 19 1.80 -18.74 0.78
C ASP A 19 1.91 -19.12 -0.70
N MET A 20 1.60 -20.37 -1.00
CA MET A 20 1.60 -20.91 -2.37
C MET A 20 0.69 -20.09 -3.30
N LEU A 21 -0.54 -19.82 -2.87
CA LEU A 21 -1.48 -19.06 -3.69
C LEU A 21 -1.06 -17.60 -3.90
N THR A 22 -0.47 -16.99 -2.88
CA THR A 22 0.06 -15.62 -3.02
C THR A 22 1.23 -15.58 -3.99
N GLU A 23 2.09 -16.61 -3.94
CA GLU A 23 3.23 -16.65 -4.85
C GLU A 23 2.71 -16.78 -6.29
N LEU A 24 1.72 -17.64 -6.51
CA LEU A 24 1.10 -17.80 -7.82
C LEU A 24 0.42 -16.53 -8.28
N ALA A 25 -0.28 -15.86 -7.36
CA ALA A 25 -0.89 -14.58 -7.66
C ALA A 25 0.15 -13.61 -8.18
N ASN A 26 1.28 -13.53 -7.49
CA ASN A 26 2.34 -12.61 -7.90
C ASN A 26 2.87 -12.92 -9.29
N PHE A 27 3.07 -14.21 -9.58
CA PHE A 27 3.54 -14.56 -10.93
C PHE A 27 2.52 -14.16 -12.00
N GLU A 28 1.23 -14.36 -11.72
CA GLU A 28 0.20 -13.97 -12.69
C GLU A 28 0.19 -12.47 -12.95
N LYS A 29 0.31 -11.67 -11.89
CA LYS A 29 0.34 -10.21 -12.03
C LYS A 29 1.62 -9.73 -12.71
N ASN A 30 2.76 -10.20 -12.23
CA ASN A 30 4.05 -9.61 -12.61
C ASN A 30 4.67 -10.19 -13.90
N VAL A 31 4.42 -11.48 -14.16
CA VAL A 31 5.05 -12.19 -15.28
C VAL A 31 4.05 -12.44 -16.40
N SER A 32 2.95 -13.12 -16.07
CA SER A 32 1.89 -13.41 -17.06
C SER A 32 1.11 -12.18 -17.52
N GLN A 33 1.11 -11.15 -16.66
CA GLN A 33 0.28 -9.95 -16.87
C GLN A 33 -1.20 -10.34 -17.06
N ALA A 34 -1.68 -11.14 -16.10
CA ALA A 34 -3.03 -11.67 -16.08
C ALA A 34 -3.68 -11.20 -14.76
N ILE A 35 -4.13 -9.94 -14.76
CA ILE A 35 -4.59 -9.33 -13.52
C ILE A 35 -5.82 -10.03 -12.92
N HIS A 36 -6.69 -10.58 -13.75
CA HIS A 36 -7.87 -11.26 -13.23
C HIS A 36 -7.51 -12.55 -12.56
N LYS A 37 -6.45 -13.23 -13.02
CA LYS A 37 -5.99 -14.44 -12.32
C LYS A 37 -5.26 -14.08 -11.02
N TYR A 38 -4.52 -12.97 -11.03
CA TYR A 38 -3.89 -12.46 -9.80
C TYR A 38 -4.97 -12.27 -8.72
N ASN A 39 -6.05 -11.62 -9.12
CA ASN A 39 -7.12 -11.38 -8.19
C ASN A 39 -7.86 -12.64 -7.75
N ALA A 40 -8.03 -13.59 -8.66
CA ALA A 40 -8.60 -14.89 -8.31
C ALA A 40 -7.75 -15.60 -7.25
N TYR A 41 -6.44 -15.68 -7.48
CA TYR A 41 -5.57 -16.30 -6.48
C TYR A 41 -5.56 -15.56 -5.12
N ARG A 42 -5.58 -14.23 -5.16
CA ARG A 42 -5.61 -13.44 -3.92
C ARG A 42 -6.89 -13.65 -3.13
N LYS A 43 -8.01 -13.71 -3.83
CA LYS A 43 -9.29 -13.96 -3.21
C LYS A 43 -9.34 -15.34 -2.58
N ALA A 44 -8.81 -16.35 -3.28
CA ALA A 44 -8.71 -17.70 -2.73
C ALA A 44 -7.81 -17.72 -1.50
N ALA A 45 -6.66 -17.07 -1.60
CA ALA A 45 -5.74 -16.96 -0.45
C ALA A 45 -6.43 -16.34 0.77
N SER A 46 -7.19 -15.26 0.56
CA SER A 46 -7.79 -14.56 1.70
C SER A 46 -8.94 -15.32 2.37
N VAL A 47 -9.74 -16.04 1.59
CA VAL A 47 -10.84 -16.85 2.17
C VAL A 47 -10.31 -18.07 2.92
N ILE A 48 -9.20 -18.62 2.44
CA ILE A 48 -8.53 -19.74 3.10
C ILE A 48 -7.85 -19.27 4.38
N ALA A 49 -7.23 -18.09 4.33
CA ALA A 49 -6.56 -17.51 5.50
C ALA A 49 -7.50 -17.42 6.70
N LYS A 50 -8.74 -16.96 6.47
CA LYS A 50 -9.75 -16.76 7.52
C LYS A 50 -10.54 -18.03 7.88
N TYR A 51 -10.24 -19.14 7.19
CA TYR A 51 -10.90 -20.42 7.46
C TYR A 51 -10.34 -21.03 8.75
N PRO A 52 -11.20 -21.25 9.76
CA PRO A 52 -10.77 -21.67 11.11
C PRO A 52 -10.45 -23.18 11.27
N HIS A 53 -10.15 -23.87 10.17
CA HIS A 53 -9.73 -25.27 10.26
C HIS A 53 -8.51 -25.50 9.41
N LYS A 54 -7.77 -26.55 9.71
CA LYS A 54 -6.64 -26.95 8.89
C LYS A 54 -7.14 -27.81 7.75
N ILE A 55 -6.95 -27.32 6.52
CA ILE A 55 -7.47 -27.99 5.32
C ILE A 55 -6.78 -29.33 5.06
N LYS A 56 -7.59 -30.36 4.85
CA LYS A 56 -7.12 -31.72 4.62
C LYS A 56 -7.25 -32.19 3.18
N SER A 57 -8.06 -31.51 2.38
CA SER A 57 -8.28 -31.92 0.98
C SER A 57 -8.67 -30.75 0.10
N GLY A 58 -8.48 -30.94 -1.21
CA GLY A 58 -8.93 -29.94 -2.19
C GLY A 58 -10.44 -29.77 -2.12
N ALA A 59 -11.16 -30.88 -1.96
CA ALA A 59 -12.62 -30.85 -1.86
C ALA A 59 -13.15 -29.96 -0.73
N GLU A 60 -12.51 -30.03 0.43
CA GLU A 60 -12.87 -29.17 1.56
C GLU A 60 -12.73 -27.67 1.20
N ALA A 61 -11.63 -27.34 0.53
CA ALA A 61 -11.35 -25.96 0.12
C ALA A 61 -12.37 -25.42 -0.91
N LYS A 62 -12.78 -26.29 -1.84
CA LYS A 62 -13.65 -25.89 -2.97
C LYS A 62 -14.98 -25.28 -2.51
N LYS A 63 -15.40 -25.76 -1.34
CA LYS A 63 -16.63 -25.33 -0.67
C LYS A 63 -16.62 -23.84 -0.40
N LEU A 64 -15.43 -23.27 -0.36
CA LEU A 64 -15.27 -21.86 -0.07
C LEU A 64 -15.42 -21.05 -1.33
N PRO A 65 -16.08 -19.88 -1.23
CA PRO A 65 -16.26 -19.01 -2.39
C PRO A 65 -14.91 -18.45 -2.86
N GLY A 66 -14.60 -18.66 -4.13
CA GLY A 66 -13.32 -18.22 -4.68
C GLY A 66 -12.32 -19.34 -4.89
N VAL A 67 -12.59 -20.50 -4.28
CA VAL A 67 -11.85 -21.71 -4.58
C VAL A 67 -12.64 -22.55 -5.56
N GLY A 68 -12.05 -22.78 -6.73
CA GLY A 68 -12.65 -23.62 -7.76
C GLY A 68 -11.85 -24.86 -8.04
N THR A 69 -12.07 -25.46 -9.21
CA THR A 69 -11.49 -26.76 -9.55
C THR A 69 -9.97 -26.78 -9.58
N LYS A 70 -9.36 -25.77 -10.20
CA LYS A 70 -7.93 -25.78 -10.41
C LYS A 70 -7.14 -25.55 -9.11
N ILE A 71 -7.64 -24.66 -8.24
CA ILE A 71 -6.96 -24.41 -6.96
C ILE A 71 -7.13 -25.61 -6.01
N ALA A 72 -8.28 -26.28 -6.09
CA ALA A 72 -8.49 -27.53 -5.35
C ALA A 72 -7.48 -28.60 -5.74
N GLU A 73 -7.24 -28.71 -7.05
CA GLU A 73 -6.21 -29.61 -7.60
C GLU A 73 -4.80 -29.24 -7.11
N LYS A 74 -4.50 -27.95 -7.06
CA LYS A 74 -3.21 -27.50 -6.54
C LYS A 74 -3.10 -27.77 -5.04
N ILE A 75 -4.19 -27.55 -4.31
CA ILE A 75 -4.20 -27.86 -2.88
C ILE A 75 -3.87 -29.34 -2.67
N ASP A 76 -4.54 -30.22 -3.41
CA ASP A 76 -4.28 -31.65 -3.37
C ASP A 76 -2.80 -32.02 -3.61
N GLU A 77 -2.19 -31.44 -4.65
CA GLU A 77 -0.79 -31.69 -4.95
C GLU A 77 0.12 -31.21 -3.81
N PHE A 78 -0.20 -30.04 -3.25
CA PHE A 78 0.57 -29.47 -2.14
C PHE A 78 0.52 -30.33 -0.90
N LEU A 79 -0.67 -30.85 -0.59
CA LEU A 79 -0.85 -31.69 0.59
C LEU A 79 -0.12 -33.02 0.45
N ALA A 80 -0.03 -33.52 -0.78
CA ALA A 80 0.64 -34.78 -1.05
C ALA A 80 2.16 -34.66 -1.01
N THR A 81 2.69 -33.53 -1.47
CA THR A 81 4.12 -33.41 -1.75
C THR A 81 4.82 -32.24 -1.06
N GLY A 82 4.04 -31.34 -0.46
CA GLY A 82 4.59 -30.11 0.12
C GLY A 82 5.11 -29.11 -0.90
N LYS A 83 4.75 -29.30 -2.17
CA LYS A 83 5.18 -28.43 -3.25
C LYS A 83 4.22 -28.48 -4.44
N LEU A 84 4.48 -27.61 -5.41
CA LEU A 84 3.73 -27.59 -6.65
C LEU A 84 4.76 -27.63 -7.76
N ARG A 85 4.71 -28.66 -8.61
CA ARG A 85 5.67 -28.77 -9.71
C ARG A 85 5.77 -27.46 -10.50
N LYS A 86 4.61 -26.91 -10.87
CA LYS A 86 4.55 -25.67 -11.64
C LYS A 86 5.22 -24.50 -10.96
N LEU A 87 4.98 -24.36 -9.67
CA LEU A 87 5.57 -23.26 -8.90
C LEU A 87 7.09 -23.44 -8.74
N GLU A 88 7.53 -24.67 -8.48
CA GLU A 88 8.97 -24.97 -8.39
C GLU A 88 9.67 -24.59 -9.68
N LYS A 89 9.03 -24.87 -10.80
CA LYS A 89 9.62 -24.62 -12.10
C LYS A 89 9.69 -23.12 -12.38
N ILE A 90 8.65 -22.39 -12.03
CA ILE A 90 8.69 -20.95 -12.29
C ILE A 90 9.68 -20.23 -11.36
N ARG A 91 9.77 -20.67 -10.10
CA ARG A 91 10.77 -20.17 -9.15
C ARG A 91 12.20 -20.26 -9.69
N GLN A 92 12.51 -21.40 -10.29
CA GLN A 92 13.84 -21.69 -10.84
C GLN A 92 14.07 -21.02 -12.18
N ASP A 93 13.01 -20.48 -12.80
CA ASP A 93 13.16 -19.83 -14.10
C ASP A 93 13.81 -18.46 -13.92
N ASP A 94 15.02 -18.32 -14.48
CA ASP A 94 15.78 -17.08 -14.37
C ASP A 94 14.99 -15.85 -14.82
N THR A 95 14.34 -15.95 -15.98
CA THR A 95 13.61 -14.82 -16.53
C THR A 95 12.40 -14.47 -15.67
N SER A 96 11.56 -15.47 -15.39
CA SER A 96 10.33 -15.22 -14.66
C SER A 96 10.57 -14.74 -13.21
N SER A 97 11.54 -15.33 -12.52
CA SER A 97 11.86 -14.96 -11.16
C SER A 97 12.45 -13.54 -11.10
N SER A 98 13.24 -13.18 -12.10
CA SER A 98 13.86 -11.84 -12.13
C SER A 98 12.80 -10.76 -12.38
N ILE A 99 11.90 -11.03 -13.32
CA ILE A 99 10.80 -10.09 -13.62
C ILE A 99 9.97 -9.87 -12.36
N ASN A 100 9.59 -10.98 -11.73
CA ASN A 100 8.78 -10.96 -10.53
C ASN A 100 9.46 -10.15 -9.42
N PHE A 101 10.76 -10.38 -9.23
CA PHE A 101 11.54 -9.67 -8.23
C PHE A 101 11.62 -8.14 -8.45
N LEU A 102 11.97 -7.71 -9.66
CA LEU A 102 12.12 -6.27 -9.97
C LEU A 102 10.87 -5.43 -9.72
N THR A 103 9.69 -6.03 -9.82
CA THR A 103 8.43 -5.30 -9.54
C THR A 103 8.24 -4.89 -8.05
N ARG A 104 9.12 -5.42 -7.20
CA ARG A 104 9.19 -4.98 -5.79
C ARG A 104 9.68 -3.54 -5.65
N VAL A 105 10.39 -3.07 -6.66
CA VAL A 105 10.81 -1.67 -6.73
C VAL A 105 9.58 -0.82 -7.06
N SER A 106 9.32 0.16 -6.19
CA SER A 106 8.27 1.14 -6.47
C SER A 106 8.56 1.87 -7.79
N GLY A 107 7.59 1.86 -8.72
CA GLY A 107 7.74 2.47 -10.03
C GLY A 107 8.06 1.45 -11.11
N ILE A 108 8.56 0.29 -10.71
CA ILE A 108 8.78 -0.79 -11.66
C ILE A 108 7.58 -1.71 -11.59
N GLY A 109 6.75 -1.67 -12.63
CA GLY A 109 5.60 -2.54 -12.76
C GLY A 109 5.94 -3.69 -13.71
N PRO A 110 4.94 -4.48 -14.12
CA PRO A 110 5.21 -5.64 -15.00
C PRO A 110 5.84 -5.27 -16.34
N SER A 111 5.44 -4.14 -16.93
CA SER A 111 5.98 -3.72 -18.22
C SER A 111 7.47 -3.34 -18.11
N ALA A 112 7.80 -2.46 -17.14
CA ALA A 112 9.21 -2.06 -16.95
C ALA A 112 10.10 -3.23 -16.56
N ALA A 113 9.60 -4.11 -15.69
CA ALA A 113 10.38 -5.26 -15.25
C ALA A 113 10.74 -6.15 -16.45
N ARG A 114 9.77 -6.39 -17.33
CA ARG A 114 10.00 -7.23 -18.51
C ARG A 114 11.03 -6.57 -19.40
N LYS A 115 10.88 -5.28 -19.65
CA LYS A 115 11.85 -4.56 -20.45
C LYS A 115 13.28 -4.61 -19.87
N PHE A 116 13.42 -4.38 -18.56
CA PHE A 116 14.73 -4.50 -17.90
C PHE A 116 15.34 -5.89 -18.04
N VAL A 117 14.57 -6.92 -17.71
CA VAL A 117 15.07 -8.29 -17.78
C VAL A 117 15.50 -8.68 -19.21
N ASP A 118 14.72 -8.27 -20.20
CA ASP A 118 15.04 -8.50 -21.61
C ASP A 118 16.36 -7.86 -22.03
N GLU A 119 16.78 -6.83 -21.29
CA GLU A 119 18.05 -6.11 -21.49
C GLU A 119 19.18 -6.63 -20.60
N GLY A 120 18.94 -7.70 -19.86
CA GLY A 120 19.94 -8.25 -18.97
C GLY A 120 20.03 -7.60 -17.59
N ILE A 121 19.09 -6.71 -17.29
CA ILE A 121 19.06 -6.02 -15.99
C ILE A 121 18.12 -6.83 -15.08
N LYS A 122 18.68 -7.58 -14.14
CA LYS A 122 17.90 -8.57 -13.42
C LYS A 122 17.88 -8.39 -11.91
N THR A 123 18.82 -7.63 -11.36
CA THR A 123 18.99 -7.52 -9.91
C THR A 123 19.02 -6.06 -9.49
N LEU A 124 18.91 -5.79 -8.19
CA LEU A 124 19.08 -4.41 -7.69
C LEU A 124 20.43 -3.83 -8.10
N GLU A 125 21.45 -4.70 -8.08
CA GLU A 125 22.80 -4.31 -8.46
C GLU A 125 22.80 -3.79 -9.89
N ASP A 126 22.15 -4.53 -10.79
CA ASP A 126 22.01 -4.11 -12.20
C ASP A 126 21.30 -2.77 -12.33
N LEU A 127 20.25 -2.57 -11.51
CA LEU A 127 19.51 -1.32 -11.55
C LEU A 127 20.41 -0.17 -11.13
N ARG A 128 21.19 -0.40 -10.08
CA ARG A 128 22.13 0.60 -9.57
C ARG A 128 23.08 1.09 -10.65
N LYS A 129 23.62 0.16 -11.44
CA LYS A 129 24.55 0.47 -12.54
C LYS A 129 23.86 1.13 -13.72
N ASN A 130 22.54 1.19 -13.72
CA ASN A 130 21.83 1.67 -14.89
C ASN A 130 20.86 2.85 -14.60
N GLU A 131 21.28 3.77 -13.72
CA GLU A 131 20.45 4.93 -13.34
C GLU A 131 19.83 5.68 -14.52
N ASP A 132 20.55 5.78 -15.63
CA ASP A 132 20.06 6.48 -16.82
C ASP A 132 18.84 5.83 -17.50
N LYS A 133 18.59 4.56 -17.21
CA LYS A 133 17.45 3.85 -17.78
C LYS A 133 16.22 3.89 -16.87
N LEU A 134 16.35 4.51 -15.69
CA LEU A 134 15.25 4.60 -14.73
C LEU A 134 14.63 5.99 -14.75
N ASN A 135 13.30 6.06 -14.61
CA ASN A 135 12.64 7.36 -14.45
C ASN A 135 12.78 7.85 -12.99
N HIS A 136 12.23 9.03 -12.69
CA HIS A 136 12.36 9.62 -11.35
C HIS A 136 11.82 8.75 -10.24
N HIS A 137 10.60 8.24 -10.43
CA HIS A 137 9.96 7.38 -9.44
C HIS A 137 10.79 6.15 -9.18
N GLN A 138 11.25 5.50 -10.25
CA GLN A 138 12.04 4.28 -10.13
C GLN A 138 13.35 4.49 -9.39
N ARG A 139 13.99 5.65 -9.62
CA ARG A 139 15.23 5.99 -8.94
C ARG A 139 15.01 6.11 -7.43
N ILE A 140 13.88 6.71 -7.05
CA ILE A 140 13.52 6.84 -5.64
C ILE A 140 13.16 5.48 -5.06
N GLY A 141 12.34 4.71 -5.78
CA GLY A 141 12.03 3.31 -5.41
C GLY A 141 13.28 2.47 -5.15
N LEU A 142 14.30 2.64 -5.99
CA LEU A 142 15.53 1.87 -5.84
C LEU A 142 16.31 2.33 -4.60
N LYS A 143 16.44 3.65 -4.48
CA LYS A 143 17.17 4.30 -3.37
C LYS A 143 16.65 3.86 -2.00
N TYR A 144 15.33 3.72 -1.86
CA TYR A 144 14.73 3.34 -0.59
C TYR A 144 14.08 1.96 -0.63
N PHE A 145 14.60 1.07 -1.48
CA PHE A 145 14.02 -0.25 -1.65
C PHE A 145 13.78 -0.93 -0.31
N GLY A 146 14.81 -0.97 0.53
CA GLY A 146 14.72 -1.61 1.84
C GLY A 146 13.80 -0.86 2.80
N ASP A 147 13.98 0.44 2.89
CA ASP A 147 13.14 1.27 3.77
C ASP A 147 11.66 1.12 3.42
N PHE A 148 11.32 1.12 2.13
CA PHE A 148 9.91 1.01 1.73
C PHE A 148 9.21 -0.29 2.13
N GLU A 149 9.98 -1.36 2.30
CA GLU A 149 9.39 -2.64 2.72
C GLU A 149 9.23 -2.77 4.25
N LYS A 150 9.72 -1.78 4.99
CA LYS A 150 9.56 -1.78 6.44
C LYS A 150 8.21 -1.21 6.85
N ARG A 151 7.64 -1.71 7.95
CA ARG A 151 6.44 -1.11 8.51
C ARG A 151 6.82 0.00 9.50
N ILE A 152 5.86 0.84 9.83
CA ILE A 152 6.13 1.99 10.69
C ILE A 152 5.51 1.75 12.06
N PRO A 153 6.32 1.70 13.13
CA PRO A 153 5.78 1.56 14.49
C PRO A 153 4.83 2.71 14.85
N ARG A 154 3.79 2.42 15.65
CA ARG A 154 2.82 3.44 16.08
C ARG A 154 3.49 4.66 16.71
N GLU A 155 4.51 4.40 17.54
CA GLU A 155 5.29 5.44 18.20
C GLU A 155 5.89 6.45 17.22
N GLU A 156 6.43 5.96 16.10
CA GLU A 156 6.94 6.84 15.04
C GLU A 156 5.83 7.57 14.28
N MET A 157 4.72 6.89 14.03
CA MET A 157 3.57 7.51 13.36
C MET A 157 3.04 8.69 14.16
N LEU A 158 3.00 8.55 15.49
CA LEU A 158 2.61 9.66 16.37
C LEU A 158 3.53 10.87 16.22
N GLN A 159 4.83 10.60 16.15
CA GLN A 159 5.84 11.66 15.99
C GLN A 159 5.72 12.32 14.62
N MET A 160 5.40 11.50 13.61
CA MET A 160 5.16 11.99 12.25
C MET A 160 3.88 12.83 12.23
N GLN A 161 2.82 12.31 12.83
CA GLN A 161 1.58 13.08 12.98
C GLN A 161 1.86 14.45 13.62
N ASP A 162 2.54 14.44 14.76
CA ASP A 162 2.94 15.68 15.44
C ASP A 162 3.53 16.72 14.50
N ILE A 163 4.49 16.32 13.67
CA ILE A 163 5.14 17.23 12.74
C ILE A 163 4.15 17.75 11.70
N VAL A 164 3.36 16.84 11.11
CA VAL A 164 2.45 17.20 10.03
C VAL A 164 1.39 18.20 10.52
N LEU A 165 0.73 17.90 11.63
CA LEU A 165 -0.34 18.77 12.14
C LEU A 165 0.20 20.14 12.58
N ASN A 166 1.39 20.14 13.17
CA ASN A 166 2.08 21.37 13.56
C ASN A 166 2.37 22.27 12.37
N GLU A 167 3.01 21.71 11.34
CA GLU A 167 3.42 22.50 10.18
C GLU A 167 2.22 22.94 9.35
N VAL A 168 1.18 22.10 9.29
CA VAL A 168 -0.04 22.43 8.57
C VAL A 168 -0.73 23.67 9.21
N LYS A 169 -0.97 23.60 10.52
CA LYS A 169 -1.51 24.75 11.25
C LYS A 169 -0.61 25.99 11.08
N LYS A 170 0.71 25.81 11.12
CA LYS A 170 1.65 26.92 10.92
C LYS A 170 1.44 27.66 9.60
N VAL A 171 1.20 26.93 8.51
CA VAL A 171 0.97 27.57 7.21
C VAL A 171 -0.32 28.38 7.18
N ASP A 172 -1.40 27.77 7.66
CA ASP A 172 -2.68 28.43 7.77
C ASP A 172 -3.54 27.69 8.80
N SER A 173 -3.92 28.39 9.87
CA SER A 173 -4.63 27.74 10.98
C SER A 173 -6.03 27.26 10.61
N GLU A 174 -6.49 27.62 9.41
CA GLU A 174 -7.79 27.20 8.94
C GLU A 174 -7.78 25.87 8.18
N TYR A 175 -6.60 25.38 7.81
CA TYR A 175 -6.49 24.00 7.31
C TYR A 175 -7.06 23.03 8.33
N ILE A 176 -7.66 21.95 7.83
CA ILE A 176 -7.93 20.79 8.66
C ILE A 176 -7.18 19.62 8.06
N ALA A 177 -6.43 18.90 8.90
CA ALA A 177 -5.68 17.73 8.46
C ALA A 177 -5.96 16.56 9.38
N THR A 178 -6.13 15.38 8.78
CA THR A 178 -6.38 14.16 9.54
C THR A 178 -5.53 13.03 8.96
N VAL A 179 -4.73 12.41 9.80
CA VAL A 179 -4.00 11.21 9.41
C VAL A 179 -4.96 10.04 9.49
N CYS A 180 -5.21 9.40 8.35
CA CYS A 180 -6.20 8.34 8.28
C CYS A 180 -5.53 6.96 8.31
N GLY A 181 -6.07 6.00 7.55
CA GLY A 181 -5.53 4.64 7.55
C GLY A 181 -5.69 3.90 8.86
N SER A 182 -5.09 2.72 8.93
CA SER A 182 -5.16 1.90 10.13
C SER A 182 -4.70 2.66 11.37
N PHE A 183 -3.78 3.62 11.19
CA PHE A 183 -3.31 4.45 12.29
C PHE A 183 -4.46 5.15 13.02
N ARG A 184 -5.44 5.62 12.27
CA ARG A 184 -6.58 6.32 12.86
C ARG A 184 -7.45 5.37 13.69
N ARG A 185 -7.49 4.11 13.28
CA ARG A 185 -8.22 3.07 14.01
C ARG A 185 -7.45 2.55 15.22
N GLY A 186 -6.24 3.05 15.42
CA GLY A 186 -5.46 2.70 16.61
C GLY A 186 -4.52 1.52 16.46
N ALA A 187 -4.29 1.08 15.21
CA ALA A 187 -3.36 -0.02 14.92
C ALA A 187 -1.94 0.25 15.43
N GLU A 188 -1.18 -0.82 15.66
CA GLU A 188 0.15 -0.71 16.28
C GLU A 188 1.27 -0.49 15.25
N SER A 189 0.93 -0.62 13.98
CA SER A 189 1.86 -0.32 12.88
C SER A 189 1.12 0.02 11.58
N SER A 190 1.80 0.77 10.70
CA SER A 190 1.24 1.19 9.42
C SER A 190 2.27 0.98 8.29
N GLY A 191 1.78 0.83 7.06
CA GLY A 191 2.67 0.71 5.91
C GLY A 191 3.16 2.06 5.41
N ASP A 192 2.36 3.09 5.64
CA ASP A 192 2.57 4.41 5.03
C ASP A 192 1.82 5.44 5.87
N MET A 193 2.03 6.72 5.59
CA MET A 193 1.21 7.76 6.22
C MET A 193 0.30 8.41 5.17
N ASP A 194 -1.00 8.45 5.47
CA ASP A 194 -2.02 9.00 4.59
C ASP A 194 -2.62 10.24 5.24
N VAL A 195 -2.37 11.40 4.67
CA VAL A 195 -2.86 12.63 5.25
C VAL A 195 -3.95 13.21 4.37
N LEU A 196 -5.11 13.49 4.97
CA LEU A 196 -6.20 14.14 4.25
C LEU A 196 -6.27 15.59 4.72
N LEU A 197 -6.29 16.50 3.75
CA LEU A 197 -6.20 17.93 3.98
C LEU A 197 -7.39 18.65 3.35
N THR A 198 -7.99 19.58 4.11
CA THR A 198 -9.00 20.47 3.56
C THR A 198 -8.86 21.91 4.07
N HIS A 199 -9.71 22.79 3.55
CA HIS A 199 -9.66 24.23 3.82
C HIS A 199 -11.00 24.77 3.43
N PRO A 200 -11.57 25.67 4.26
CA PRO A 200 -12.91 26.22 3.98
C PRO A 200 -13.05 26.88 2.61
N SER A 201 -11.97 27.42 2.06
CA SER A 201 -12.00 28.03 0.74
C SER A 201 -12.21 27.01 -0.39
N PHE A 202 -11.77 25.77 -0.16
CA PHE A 202 -11.87 24.71 -1.17
C PHE A 202 -13.13 23.86 -1.02
N THR A 203 -14.04 24.02 -1.96
CA THR A 203 -15.32 23.30 -1.98
C THR A 203 -15.59 22.77 -3.39
N SER A 204 -16.64 21.95 -3.52
CA SER A 204 -17.05 21.34 -4.79
C SER A 204 -17.02 22.27 -6.02
N GLU A 205 -16.96 23.57 -5.79
CA GLU A 205 -16.64 24.53 -6.85
C GLU A 205 -15.81 25.70 -6.32
N SER A 206 -14.49 25.62 -6.53
CA SER A 206 -13.54 26.62 -6.03
C SER A 206 -12.33 26.74 -6.95
N PRO A 210 -6.41 28.49 -3.78
CA PRO A 210 -5.23 28.64 -4.64
C PRO A 210 -3.93 28.12 -4.01
N LYS A 211 -3.32 27.10 -4.64
CA LYS A 211 -2.04 26.51 -4.20
C LYS A 211 -2.08 25.90 -2.79
N LEU A 212 -3.26 25.42 -2.38
CA LEU A 212 -3.46 24.96 -1.00
C LEU A 212 -2.59 23.75 -0.67
N LEU A 213 -2.45 22.83 -1.62
CA LEU A 213 -1.56 21.69 -1.41
C LEU A 213 -0.09 22.10 -1.45
N HIS A 214 0.30 22.92 -2.42
CA HIS A 214 1.73 23.28 -2.60
C HIS A 214 2.33 23.92 -1.37
N GLN A 215 1.59 24.85 -0.77
CA GLN A 215 2.05 25.55 0.43
C GLN A 215 2.39 24.60 1.58
N VAL A 216 1.54 23.60 1.79
CA VAL A 216 1.78 22.59 2.85
C VAL A 216 3.00 21.75 2.51
N VAL A 217 3.06 21.23 1.28
CA VAL A 217 4.20 20.46 0.84
C VAL A 217 5.49 21.25 1.01
N GLU A 218 5.47 22.52 0.62
CA GLU A 218 6.65 23.37 0.70
C GLU A 218 7.13 23.55 2.16
N GLN A 219 6.20 23.79 3.08
CA GLN A 219 6.54 23.90 4.51
C GLN A 219 7.17 22.62 5.06
N LEU A 220 6.57 21.48 4.72
CA LEU A 220 7.08 20.18 5.18
C LEU A 220 8.46 19.88 4.61
N GLN A 221 8.76 20.47 3.46
CA GLN A 221 10.09 20.37 2.87
C GLN A 221 11.03 21.34 3.56
N LYS A 222 10.53 22.53 3.87
CA LYS A 222 11.32 23.56 4.54
C LYS A 222 11.90 23.05 5.86
N VAL A 223 11.10 22.28 6.60
CA VAL A 223 11.54 21.73 7.89
C VAL A 223 12.21 20.37 7.76
N HIS A 224 12.50 19.99 6.51
CA HIS A 224 13.25 18.77 6.19
C HIS A 224 12.54 17.50 6.59
N PHE A 225 11.22 17.55 6.67
CA PHE A 225 10.43 16.35 6.92
C PHE A 225 10.17 15.54 5.64
N ILE A 226 9.70 16.21 4.60
CA ILE A 226 9.61 15.60 3.25
C ILE A 226 10.96 15.70 2.55
N THR A 227 11.46 14.54 2.09
CA THR A 227 12.80 14.43 1.53
C THR A 227 12.83 14.25 -0.01
N ASP A 228 11.78 13.65 -0.56
CA ASP A 228 11.68 13.38 -2.00
C ASP A 228 10.24 13.45 -2.44
N THR A 229 10.04 13.67 -3.74
CA THR A 229 8.72 13.75 -4.35
C THR A 229 8.56 12.72 -5.49
N LEU A 230 7.57 11.84 -5.36
CA LEU A 230 7.23 10.89 -6.42
C LEU A 230 6.25 11.47 -7.44
N SER A 231 5.34 12.31 -6.96
CA SER A 231 4.36 12.97 -7.81
C SER A 231 3.69 14.07 -7.02
N LYS A 232 3.23 15.11 -7.72
CA LYS A 232 2.58 16.25 -7.09
C LYS A 232 1.73 16.94 -8.13
N GLY A 233 0.43 16.92 -7.91
CA GLY A 233 -0.50 17.69 -8.73
C GLY A 233 -1.25 18.63 -7.82
N GLU A 234 -2.37 19.16 -8.32
CA GLU A 234 -3.17 20.11 -7.56
C GLU A 234 -3.93 19.51 -6.36
N THR A 235 -4.19 18.19 -6.39
CA THR A 235 -4.96 17.58 -5.29
C THR A 235 -4.24 16.43 -4.57
N LYS A 236 -3.14 15.95 -5.14
CA LYS A 236 -2.49 14.77 -4.57
C LYS A 236 -0.96 14.82 -4.65
N PHE A 237 -0.33 14.68 -3.49
CA PHE A 237 1.12 14.59 -3.37
C PHE A 237 1.47 13.19 -2.90
N MET A 238 2.53 12.64 -3.48
CA MET A 238 3.06 11.34 -3.07
C MET A 238 4.55 11.48 -2.97
N GLY A 239 5.10 11.14 -1.82
CA GLY A 239 6.53 11.29 -1.62
C GLY A 239 7.10 10.51 -0.47
N VAL A 240 8.20 11.02 0.04
CA VAL A 240 8.99 10.32 1.03
C VAL A 240 9.29 11.31 2.15
N CYS A 241 9.25 10.81 3.38
CA CYS A 241 9.56 11.65 4.51
C CYS A 241 10.47 10.91 5.47
N GLN A 242 10.98 11.64 6.47
CA GLN A 242 11.84 11.03 7.45
C GLN A 242 11.80 11.85 8.73
N LEU A 243 11.67 11.18 9.85
CA LEU A 243 11.80 11.81 11.18
C LEU A 243 13.24 12.24 11.42
N PRO A 244 13.45 13.36 12.15
CA PRO A 244 14.82 13.72 12.50
C PRO A 244 15.40 12.73 13.52
N SER A 245 16.71 12.53 13.47
CA SER A 245 17.41 11.76 14.48
C SER A 245 18.17 12.74 15.36
N LYS A 246 19.23 12.28 16.03
CA LYS A 246 20.05 13.13 16.89
C LYS A 246 21.54 12.88 16.69
N ASN A 247 22.34 13.12 17.74
CA ASN A 247 23.80 12.96 17.69
C ASN A 247 24.25 11.53 17.45
N ASP A 248 23.88 10.63 18.36
CA ASP A 248 24.31 9.23 18.29
C ASP A 248 23.16 8.24 18.47
N GLU A 249 22.08 8.47 17.73
CA GLU A 249 21.02 7.47 17.55
C GLU A 249 20.84 7.23 16.05
N LYS A 250 20.68 5.97 15.68
CA LYS A 250 20.61 5.56 14.27
C LYS A 250 19.44 6.20 13.52
N GLU A 251 19.69 6.56 12.26
CA GLU A 251 18.69 7.18 11.39
C GLU A 251 17.41 6.35 11.32
N TYR A 252 16.27 7.05 11.36
CA TYR A 252 14.98 6.46 11.08
C TYR A 252 14.91 6.12 9.59
N PRO A 253 14.20 5.02 9.24
CA PRO A 253 14.02 4.72 7.80
C PRO A 253 13.23 5.83 7.12
N HIS A 254 13.42 5.98 5.81
CA HIS A 254 12.56 6.85 5.01
C HIS A 254 11.21 6.21 4.81
N ARG A 255 10.13 7.00 4.84
CA ARG A 255 8.77 6.47 4.81
C ARG A 255 7.96 7.05 3.66
N ARG A 256 6.98 6.30 3.22
CA ARG A 256 6.07 6.79 2.19
C ARG A 256 4.97 7.64 2.80
N ILE A 257 4.78 8.82 2.24
CA ILE A 257 3.72 9.72 2.71
C ILE A 257 2.87 10.18 1.53
N ASP A 258 1.56 10.09 1.68
CA ASP A 258 0.64 10.67 0.69
C ASP A 258 -0.13 11.81 1.33
N ILE A 259 -0.34 12.89 0.59
CA ILE A 259 -1.21 13.97 1.07
C ILE A 259 -2.25 14.30 0.01
N ARG A 260 -3.52 14.22 0.40
CA ARG A 260 -4.65 14.47 -0.52
C ARG A 260 -5.42 15.70 -0.08
N LEU A 261 -5.55 16.66 -0.99
CA LEU A 261 -6.41 17.82 -0.76
C LEU A 261 -7.81 17.51 -1.27
N ILE A 262 -8.78 17.62 -0.38
CA ILE A 262 -10.16 17.28 -0.68
C ILE A 262 -11.02 18.52 -0.42
N PRO A 263 -12.03 18.78 -1.28
CA PRO A 263 -12.96 19.89 -1.02
C PRO A 263 -13.63 19.73 0.35
N LYS A 264 -13.86 20.85 1.03
CA LYS A 264 -14.44 20.85 2.39
C LYS A 264 -15.72 20.04 2.50
N ASP A 265 -16.63 20.23 1.54
CA ASP A 265 -17.93 19.56 1.57
C ASP A 265 -17.84 18.07 1.24
N GLN A 266 -16.66 17.60 0.83
CA GLN A 266 -16.45 16.17 0.58
C GLN A 266 -15.45 15.56 1.56
N TYR A 267 -14.89 16.41 2.42
CA TYR A 267 -13.80 16.03 3.31
C TYR A 267 -14.12 14.85 4.21
N TYR A 268 -15.29 14.87 4.83
CA TYR A 268 -15.61 13.87 5.84
C TYR A 268 -16.03 12.49 5.28
N CYS A 269 -16.46 12.48 4.01
CA CYS A 269 -16.65 11.23 3.27
C CYS A 269 -15.30 10.59 2.93
N GLY A 270 -14.35 11.42 2.53
CA GLY A 270 -12.97 11.00 2.33
C GLY A 270 -12.37 10.40 3.58
N VAL A 271 -12.53 11.10 4.71
CA VAL A 271 -12.02 10.64 6.00
C VAL A 271 -12.60 9.27 6.37
N LEU A 272 -13.92 9.13 6.24
CA LEU A 272 -14.59 7.84 6.47
C LEU A 272 -13.90 6.78 5.60
N TYR A 273 -13.84 7.06 4.30
CA TYR A 273 -13.24 6.13 3.35
C TYR A 273 -11.81 5.73 3.71
N PHE A 274 -10.93 6.71 3.85
CA PHE A 274 -9.51 6.41 4.00
C PHE A 274 -9.12 5.93 5.40
N THR A 275 -10.09 5.92 6.30
CA THR A 275 -9.88 5.34 7.62
C THR A 275 -10.20 3.85 7.58
N GLY A 276 -11.21 3.49 6.78
CA GLY A 276 -11.60 2.08 6.63
C GLY A 276 -12.20 1.50 7.89
N SER A 277 -11.92 0.22 8.20
CA SER A 277 -11.10 -0.68 7.37
C SER A 277 -11.79 -1.04 6.06
N ASP A 278 -11.04 -1.72 5.18
CA ASP A 278 -11.56 -2.13 3.87
C ASP A 278 -12.88 -2.89 3.99
N ILE A 279 -12.89 -3.90 4.87
CA ILE A 279 -14.07 -4.73 5.11
C ILE A 279 -15.23 -3.90 5.67
N PHE A 280 -14.92 -2.98 6.59
CA PHE A 280 -15.92 -2.09 7.20
C PHE A 280 -16.59 -1.20 6.15
N ASN A 281 -15.79 -0.59 5.29
CA ASN A 281 -16.30 0.20 4.16
C ASN A 281 -17.27 -0.62 3.29
N LYS A 282 -16.90 -1.88 3.06
CA LYS A 282 -17.61 -2.79 2.16
C LYS A 282 -19.05 -3.05 2.60
N ASN A 283 -19.23 -3.34 3.89
CA ASN A 283 -20.57 -3.59 4.44
C ASN A 283 -21.27 -2.35 4.99
N MET A 284 -20.54 -1.24 5.13
CA MET A 284 -21.20 0.06 5.26
C MET A 284 -21.76 0.45 3.89
N ARG A 285 -21.20 -0.15 2.84
CA ARG A 285 -21.75 -0.06 1.49
C ARG A 285 -22.70 -1.23 1.25
N ASN A 296 -19.67 6.51 -2.35
CA ASN A 296 -18.25 6.50 -2.67
C ASN A 296 -17.41 7.36 -1.71
N GLU A 297 -16.11 7.45 -1.97
CA GLU A 297 -15.19 8.22 -1.14
C GLU A 297 -15.48 9.73 -1.13
N TYR A 298 -16.30 10.19 -2.07
CA TYR A 298 -16.56 11.61 -2.27
C TYR A 298 -17.83 12.14 -1.59
N THR A 299 -18.96 11.45 -1.80
CA THR A 299 -20.26 11.91 -1.27
C THR A 299 -21.15 10.76 -0.81
N VAL A 315 -23.04 16.66 4.43
CA VAL A 315 -22.09 16.02 5.35
C VAL A 315 -21.19 17.07 6.00
N ASP A 316 -21.17 17.09 7.33
CA ASP A 316 -20.37 18.04 8.10
C ASP A 316 -19.50 17.33 9.15
N SER A 317 -19.63 16.00 9.19
CA SER A 317 -18.82 15.15 10.06
C SER A 317 -19.01 13.68 9.67
N GLU A 318 -18.22 12.80 10.28
CA GLU A 318 -18.35 11.36 10.06
C GLU A 318 -19.71 10.83 10.51
N LYS A 319 -20.23 11.41 11.59
CA LYS A 319 -21.50 10.99 12.17
C LYS A 319 -22.68 11.16 11.21
N ASP A 320 -22.72 12.29 10.49
CA ASP A 320 -23.77 12.60 9.52
C ASP A 320 -24.00 11.47 8.51
N ILE A 321 -22.92 10.88 8.01
CA ILE A 321 -22.97 9.80 7.04
C ILE A 321 -23.52 8.51 7.65
N PHE A 322 -23.17 8.26 8.90
CA PHE A 322 -23.54 7.00 9.59
C PHE A 322 -25.03 6.70 9.57
N ASP A 323 -25.85 7.74 9.70
CA ASP A 323 -27.27 7.70 9.30
C ASP A 323 -27.93 6.37 9.69
N TYR A 324 -28.46 5.67 8.67
CA TYR A 324 -28.95 4.29 8.77
C TYR A 324 -28.72 3.62 10.12
N TYR A 329 -23.44 5.63 15.45
CA TYR A 329 -22.06 6.05 15.20
C TYR A 329 -21.05 5.08 15.81
N ARG A 330 -20.07 4.69 15.01
CA ARG A 330 -18.95 3.89 15.49
C ARG A 330 -17.65 4.68 15.33
N GLU A 331 -16.86 4.72 16.40
CA GLU A 331 -15.55 5.40 16.37
C GLU A 331 -14.51 4.53 15.65
N PRO A 332 -13.43 5.17 15.10
CA PRO A 332 -12.38 4.46 14.36
C PRO A 332 -11.86 3.19 15.03
N LYS A 333 -11.72 3.20 16.36
CA LYS A 333 -11.26 2.04 17.14
C LYS A 333 -12.08 0.77 16.85
N ASP A 334 -13.40 0.92 16.76
CA ASP A 334 -14.31 -0.22 16.53
C ASP A 334 -14.87 -0.24 15.09
N ARG A 335 -13.97 -0.08 14.12
CA ARG A 335 -14.33 -0.14 12.70
C ARG A 335 -13.55 -1.23 11.99
#